data_3V7L
#
_entry.id   3V7L
#
_cell.length_a   37.425
_cell.length_b   71.386
_cell.length_c   82.905
_cell.angle_alpha   90.00
_cell.angle_beta   90.52
_cell.angle_gamma   90.00
#
_symmetry.space_group_name_H-M   'P 1 21 1'
#
loop_
_entity.id
_entity.type
_entity.pdbx_description
1 polymer 'DNA polymerase beta'
2 non-polymer 'SODIUM ION'
3 non-polymer 'CHLORIDE ION'
4 non-polymer 'SULFATE ION'
5 water water
#
_entity_poly.entity_id   1
_entity_poly.type   'polypeptide(L)'
_entity_poly.pdbx_seq_one_letter_code
;MGHHHHHHRKAPQETLNGGITDMLVELANFEKNVSQAIHKYNAYRKAASVIAKYPHKIKSGAEAKKLPGVGTKIAEEIDE
FLATGKLRKLEKIRQDDTSSSINFLTRVTGIGPSAARKLVDEGIKTLEDLRKNEDKLNHHQRIGLKYFEDFEKRIPREEM
LQMQDIVLNEVKKLDPEYIATVCGSFRRGAESSGDMDVLLTHPNFTSESSKQPKLLHRVVEQLQKVRFITDTLSKGETKF
MGVCQLPSENDENEYPHRRIDIRLIPKDQYYCGVLYFTGSDIFNKNMRAHALEKGFTINEYTIRPLGVTGVAGEPLPVDS
EQDIFDYIQWRYREPKDRSE
;
_entity_poly.pdbx_strand_id   A
#
# COMPACT_ATOMS: atom_id res chain seq x y z
N THR A 15 -15.93 13.79 -33.45
CA THR A 15 -17.04 14.21 -34.31
C THR A 15 -16.56 14.56 -35.72
N LEU A 16 -16.52 15.86 -36.02
CA LEU A 16 -15.87 16.37 -37.22
C LEU A 16 -14.56 17.00 -36.78
N ASN A 17 -14.62 18.17 -36.16
CA ASN A 17 -13.42 18.85 -35.65
C ASN A 17 -13.13 18.49 -34.19
N GLY A 18 -13.83 17.49 -33.69
CA GLY A 18 -13.79 17.15 -32.29
C GLY A 18 -12.58 16.33 -31.88
N GLY A 19 -11.44 16.65 -32.48
CA GLY A 19 -10.16 16.10 -32.08
C GLY A 19 -9.32 17.29 -31.67
N ILE A 20 -9.72 18.45 -32.18
CA ILE A 20 -9.07 19.71 -31.86
C ILE A 20 -9.79 20.41 -30.68
N THR A 21 -10.92 19.86 -30.24
CA THR A 21 -11.58 20.38 -29.04
C THR A 21 -11.07 19.68 -27.78
N ASP A 22 -10.69 18.41 -27.91
CA ASP A 22 -9.97 17.69 -26.86
C ASP A 22 -8.64 18.36 -26.58
N MET A 23 -8.07 18.98 -27.60
CA MET A 23 -6.77 19.62 -27.49
C MET A 23 -6.92 20.88 -26.67
N LEU A 24 -7.81 21.74 -27.13
CA LEU A 24 -8.07 23.07 -26.53
C LEU A 24 -8.56 23.04 -25.08
N VAL A 25 -9.14 21.92 -24.65
CA VAL A 25 -9.58 21.80 -23.25
C VAL A 25 -8.40 21.69 -22.28
N GLU A 26 -7.48 20.79 -22.55
CA GLU A 26 -6.31 20.58 -21.69
C GLU A 26 -5.43 21.83 -21.56
N LEU A 27 -5.31 22.60 -22.65
CA LEU A 27 -4.59 23.87 -22.62
C LEU A 27 -5.15 24.77 -21.50
N ALA A 28 -6.47 24.73 -21.33
CA ALA A 28 -7.18 25.58 -20.39
C ALA A 28 -7.04 25.14 -18.92
N ASN A 29 -6.72 23.88 -18.67
CA ASN A 29 -6.60 23.39 -17.30
C ASN A 29 -5.29 23.87 -16.66
N PHE A 30 -4.20 23.72 -17.40
CA PHE A 30 -2.86 24.06 -16.95
C PHE A 30 -2.69 25.56 -16.69
N GLU A 31 -3.46 26.38 -17.40
CA GLU A 31 -3.39 27.82 -17.18
C GLU A 31 -4.33 28.25 -16.05
N LYS A 32 -5.33 27.42 -15.77
CA LYS A 32 -6.15 27.59 -14.59
C LYS A 32 -5.26 27.30 -13.39
N ASN A 33 -4.72 26.08 -13.38
CA ASN A 33 -3.80 25.66 -12.35
C ASN A 33 -2.37 26.05 -12.72
N VAL A 34 -1.39 25.24 -12.29
CA VAL A 34 0.04 25.60 -12.19
C VAL A 34 0.61 26.80 -12.97
N SER A 35 -0.08 27.94 -12.95
CA SER A 35 0.37 29.14 -13.66
C SER A 35 -0.51 30.31 -13.31
N GLN A 36 -1.81 30.09 -13.51
CA GLN A 36 -2.87 30.99 -13.10
C GLN A 36 -2.89 32.31 -13.86
N ALA A 37 -2.90 32.18 -15.19
CA ALA A 37 -3.12 33.33 -16.09
C ALA A 37 -4.57 33.39 -16.57
N ILE A 38 -5.42 34.00 -15.75
CA ILE A 38 -6.82 34.29 -16.10
C ILE A 38 -6.84 35.32 -17.23
N HIS A 39 -8.01 35.51 -17.84
CA HIS A 39 -8.17 36.21 -19.13
C HIS A 39 -7.67 35.35 -20.31
N LYS A 40 -6.69 34.49 -20.04
CA LYS A 40 -6.18 33.51 -20.99
C LYS A 40 -6.71 32.12 -20.61
N TYR A 41 -7.41 32.05 -19.48
CA TYR A 41 -8.28 30.90 -19.20
C TYR A 41 -9.57 31.12 -20.00
N ASN A 42 -10.00 32.38 -20.04
CA ASN A 42 -11.21 32.78 -20.72
C ASN A 42 -11.16 32.62 -22.23
N ALA A 43 -10.09 33.11 -22.84
CA ALA A 43 -10.03 33.16 -24.32
C ALA A 43 -9.93 31.78 -24.93
N TYR A 44 -9.12 30.92 -24.31
CA TYR A 44 -9.02 29.54 -24.76
C TYR A 44 -10.41 28.91 -24.78
N ARG A 45 -11.18 29.18 -23.73
CA ARG A 45 -12.46 28.52 -23.50
C ARG A 45 -13.58 28.86 -24.50
N LYS A 46 -13.74 30.13 -24.83
CA LYS A 46 -14.71 30.54 -25.82
C LYS A 46 -14.42 29.93 -27.20
N ALA A 47 -13.16 29.92 -27.60
CA ALA A 47 -12.74 29.32 -28.87
C ALA A 47 -13.18 27.85 -29.07
N ALA A 48 -13.43 27.15 -27.98
CA ALA A 48 -13.81 25.74 -28.04
C ALA A 48 -15.23 25.59 -28.58
N SER A 49 -16.11 26.48 -28.15
CA SER A 49 -17.53 26.38 -28.41
C SER A 49 -17.85 26.66 -29.87
N VAL A 50 -17.27 27.73 -30.41
CA VAL A 50 -17.50 28.14 -31.79
C VAL A 50 -17.19 27.00 -32.77
N ILE A 51 -16.17 26.22 -32.45
CA ILE A 51 -15.84 25.10 -33.33
C ILE A 51 -16.82 23.95 -33.12
N ALA A 52 -17.33 23.83 -31.90
CA ALA A 52 -18.31 22.80 -31.58
C ALA A 52 -19.64 22.97 -32.33
N LYS A 53 -19.99 24.22 -32.65
CA LYS A 53 -21.28 24.53 -33.24
C LYS A 53 -21.26 24.52 -34.77
N TYR A 54 -20.09 24.80 -35.33
CA TYR A 54 -19.88 24.89 -36.78
C TYR A 54 -20.10 23.54 -37.47
N PRO A 55 -21.04 23.49 -38.43
CA PRO A 55 -21.48 22.21 -38.98
C PRO A 55 -20.61 21.77 -40.17
N HIS A 56 -19.32 22.10 -40.14
CA HIS A 56 -18.41 21.75 -41.23
C HIS A 56 -16.99 21.40 -40.79
N LYS A 57 -16.52 20.24 -41.23
CA LYS A 57 -15.15 19.78 -40.99
C LYS A 57 -14.08 20.75 -41.48
N ILE A 58 -13.32 21.29 -40.54
CA ILE A 58 -12.20 22.19 -40.85
C ILE A 58 -11.00 21.38 -41.36
N LYS A 59 -10.28 21.93 -42.34
CA LYS A 59 -9.15 21.23 -42.93
C LYS A 59 -7.87 22.08 -42.92
N SER A 60 -7.98 23.31 -42.44
CA SER A 60 -6.82 24.16 -42.30
C SER A 60 -7.12 25.29 -41.31
N GLY A 61 -6.13 25.66 -40.50
CA GLY A 61 -6.25 26.79 -39.61
C GLY A 61 -6.35 28.08 -40.40
N ALA A 62 -6.48 27.94 -41.72
CA ALA A 62 -6.63 29.07 -42.62
C ALA A 62 -8.10 29.43 -42.78
N GLU A 63 -8.98 28.47 -42.56
CA GLU A 63 -10.41 28.73 -42.61
C GLU A 63 -10.94 29.22 -41.25
N ALA A 64 -10.10 29.11 -40.22
CA ALA A 64 -10.49 29.36 -38.83
C ALA A 64 -10.60 30.85 -38.45
N LYS A 65 -9.65 31.66 -38.92
CA LYS A 65 -9.65 33.12 -38.65
C LYS A 65 -10.95 33.80 -39.08
N LYS A 66 -11.69 33.14 -39.95
CA LYS A 66 -12.95 33.69 -40.43
C LYS A 66 -14.07 33.66 -39.38
N LEU A 67 -14.07 32.64 -38.51
CA LEU A 67 -15.05 32.53 -37.41
C LEU A 67 -14.79 33.57 -36.35
N PRO A 68 -15.85 34.20 -35.81
CA PRO A 68 -15.69 35.21 -34.75
C PRO A 68 -15.22 34.68 -33.38
N GLY A 69 -14.77 33.43 -33.29
CA GLY A 69 -14.30 32.87 -32.04
C GLY A 69 -12.79 32.63 -31.94
N VAL A 70 -12.24 31.92 -32.93
CA VAL A 70 -10.80 31.65 -33.01
C VAL A 70 -10.07 32.94 -33.35
N GLY A 71 -8.78 33.05 -32.96
CA GLY A 71 -8.02 34.27 -33.18
C GLY A 71 -6.65 34.11 -33.82
N THR A 72 -5.75 35.04 -33.48
CA THR A 72 -4.39 35.11 -34.05
C THR A 72 -3.47 33.87 -33.82
N LYS A 73 -2.79 33.81 -32.67
CA LYS A 73 -1.82 32.74 -32.41
C LYS A 73 -2.46 31.37 -32.18
N ILE A 74 -3.77 31.40 -31.97
CA ILE A 74 -4.58 30.22 -31.73
C ILE A 74 -4.77 29.41 -33.02
N ALA A 75 -5.20 30.05 -34.09
CA ALA A 75 -5.37 29.37 -35.37
C ALA A 75 -4.03 28.79 -35.85
N GLU A 76 -2.98 29.57 -35.64
CA GLU A 76 -1.61 29.19 -35.88
C GLU A 76 -1.29 27.83 -35.27
N GLU A 77 -1.62 27.61 -34.00
CA GLU A 77 -1.36 26.31 -33.34
C GLU A 77 -2.16 25.15 -33.95
N ILE A 78 -3.16 25.46 -34.77
CA ILE A 78 -3.99 24.43 -35.41
C ILE A 78 -3.33 23.88 -36.68
N ASP A 79 -2.60 24.71 -37.41
CA ASP A 79 -1.92 24.21 -38.60
C ASP A 79 -0.85 23.16 -38.26
N GLU A 80 -0.09 23.41 -37.20
CA GLU A 80 0.84 22.41 -36.70
C GLU A 80 0.06 21.15 -36.29
N PHE A 81 -1.09 21.32 -35.66
CA PHE A 81 -1.91 20.18 -35.30
C PHE A 81 -2.37 19.40 -36.54
N LEU A 82 -2.80 20.12 -37.58
CA LEU A 82 -3.24 19.52 -38.84
C LEU A 82 -2.10 19.44 -39.88
N ALA A 83 -1.15 18.54 -39.60
CA ALA A 83 -0.04 18.22 -40.49
C ALA A 83 0.61 16.99 -39.88
N THR A 84 1.40 17.24 -38.83
CA THR A 84 1.86 16.18 -37.95
C THR A 84 0.67 15.46 -37.34
N GLY A 85 0.00 16.14 -36.43
CA GLY A 85 -0.92 15.51 -35.51
C GLY A 85 -0.21 15.45 -34.17
N LYS A 86 0.56 16.49 -33.85
CA LYS A 86 1.16 16.67 -32.51
C LYS A 86 1.62 18.12 -32.31
N LEU A 87 1.67 18.56 -31.05
CA LEU A 87 1.90 19.99 -30.72
C LEU A 87 2.99 20.32 -29.67
N ARG A 88 3.89 21.23 -30.03
CA ARG A 88 5.00 21.71 -29.18
C ARG A 88 4.57 22.21 -27.80
N LYS A 89 3.76 23.28 -27.77
CA LYS A 89 3.35 23.93 -26.52
C LYS A 89 2.51 23.00 -25.61
N LEU A 90 2.29 21.78 -26.09
CA LEU A 90 1.50 20.81 -25.33
C LEU A 90 2.35 19.76 -24.59
N GLU A 91 2.77 18.72 -25.31
CA GLU A 91 3.36 17.56 -24.66
C GLU A 91 4.55 17.94 -23.78
N LYS A 92 5.19 19.08 -24.11
CA LYS A 92 6.26 19.64 -23.32
C LYS A 92 5.79 19.92 -21.90
N ILE A 93 4.54 20.38 -21.77
CA ILE A 93 3.95 20.64 -20.46
C ILE A 93 3.49 19.31 -19.87
N ARG A 94 3.41 18.31 -20.75
CA ARG A 94 2.91 17.00 -20.40
C ARG A 94 4.02 16.02 -20.00
N GLN A 95 5.21 16.18 -20.56
CA GLN A 95 6.33 15.30 -20.21
C GLN A 95 7.38 15.97 -19.31
N ASP A 96 7.01 17.09 -18.69
CA ASP A 96 7.94 17.84 -17.83
C ASP A 96 7.38 18.18 -16.45
N ASP A 97 6.06 18.31 -16.37
CA ASP A 97 5.37 18.78 -15.15
C ASP A 97 5.72 17.98 -13.90
N THR A 98 5.54 18.59 -12.74
CA THR A 98 5.63 17.86 -11.47
C THR A 98 4.55 16.79 -11.48
N SER A 99 3.40 17.14 -12.07
CA SER A 99 2.36 16.19 -12.42
C SER A 99 2.87 15.21 -13.48
N SER A 100 2.40 13.96 -13.41
CA SER A 100 2.93 12.87 -14.23
C SER A 100 4.45 12.83 -14.06
N SER A 101 4.84 12.94 -12.80
CA SER A 101 6.23 12.85 -12.37
C SER A 101 6.18 12.56 -10.89
N ILE A 102 5.10 12.99 -10.24
CA ILE A 102 4.76 12.52 -8.90
C ILE A 102 4.63 11.02 -9.03
N ASN A 103 4.07 10.62 -10.17
CA ASN A 103 3.91 9.22 -10.57
C ASN A 103 5.27 8.61 -10.93
N PHE A 104 6.24 9.46 -11.21
CA PHE A 104 7.56 8.98 -11.63
C PHE A 104 8.55 9.04 -10.47
N LEU A 105 8.59 10.18 -9.79
CA LEU A 105 9.62 10.47 -8.80
C LEU A 105 9.75 9.38 -7.74
N THR A 106 8.62 8.80 -7.38
CA THR A 106 8.61 7.80 -6.33
C THR A 106 9.10 6.48 -6.91
N ARG A 107 8.90 6.35 -8.22
CA ARG A 107 9.32 5.17 -8.98
C ARG A 107 10.83 5.11 -9.05
N VAL A 108 11.41 4.33 -8.15
CA VAL A 108 12.84 4.39 -7.88
C VAL A 108 13.18 5.07 -6.54
N THR A 109 12.47 4.70 -5.47
CA THR A 109 12.65 5.31 -4.16
C THR A 109 12.41 4.45 -2.92
N GLY A 110 11.20 3.92 -2.77
CA GLY A 110 10.88 3.06 -1.65
C GLY A 110 11.03 3.79 -0.33
N ILE A 111 10.50 5.02 -0.27
CA ILE A 111 10.67 5.91 0.88
C ILE A 111 9.43 6.62 1.46
N GLY A 112 9.48 7.96 1.56
CA GLY A 112 8.46 8.76 2.26
C GLY A 112 7.99 10.14 1.73
N PRO A 113 6.72 10.45 2.01
CA PRO A 113 5.97 11.58 1.48
C PRO A 113 6.60 12.93 1.14
N SER A 114 7.29 13.56 2.09
CA SER A 114 7.77 14.93 1.93
C SER A 114 9.27 15.12 1.78
N ALA A 115 10.03 14.03 1.87
CA ALA A 115 11.44 14.03 1.52
C ALA A 115 11.60 14.26 0.02
N ALA A 116 10.61 13.79 -0.75
CA ALA A 116 10.53 14.04 -2.18
C ALA A 116 10.04 15.45 -2.44
N ARG A 117 10.90 16.26 -3.06
CA ARG A 117 10.78 17.70 -2.98
C ARG A 117 11.91 18.06 -2.03
N LYS A 118 13.02 18.53 -2.58
CA LYS A 118 14.25 18.67 -1.81
C LYS A 118 15.20 17.56 -2.21
N LEU A 119 14.65 16.36 -2.34
CA LEU A 119 15.34 15.29 -3.04
C LEU A 119 15.26 15.62 -4.52
N VAL A 120 14.04 15.67 -5.04
CA VAL A 120 13.81 16.07 -6.41
C VAL A 120 14.36 17.46 -6.63
N ASP A 121 14.14 18.34 -5.64
CA ASP A 121 14.62 19.71 -5.70
C ASP A 121 16.12 19.88 -5.83
N GLU A 122 16.87 18.79 -5.68
CA GLU A 122 18.30 18.82 -5.89
C GLU A 122 18.63 18.62 -7.37
N GLY A 123 17.58 18.35 -8.15
CA GLY A 123 17.75 18.02 -9.55
C GLY A 123 18.07 16.54 -9.71
N ILE A 124 17.77 15.75 -8.69
CA ILE A 124 18.01 14.31 -8.72
C ILE A 124 16.75 13.54 -9.13
N LYS A 125 16.88 12.64 -10.12
CA LYS A 125 15.74 11.93 -10.69
C LYS A 125 15.99 10.43 -11.01
N THR A 126 15.08 9.88 -11.82
CA THR A 126 14.89 8.43 -11.98
C THR A 126 16.09 7.53 -12.33
N LEU A 127 16.59 7.64 -13.56
CA LEU A 127 17.57 6.69 -14.09
C LEU A 127 18.98 7.26 -14.18
N GLU A 128 19.34 7.80 -15.34
CA GLU A 128 20.59 8.52 -15.51
C GLU A 128 20.36 9.96 -15.03
N ASP A 129 20.25 10.07 -13.71
CA ASP A 129 19.86 11.29 -13.00
C ASP A 129 19.97 10.92 -11.52
N LEU A 130 20.49 9.72 -11.26
CA LEU A 130 20.40 9.07 -9.95
C LEU A 130 21.65 9.22 -9.12
N ARG A 131 22.79 8.96 -9.74
CA ARG A 131 24.06 9.22 -9.06
C ARG A 131 24.54 10.63 -9.32
N LYS A 132 24.19 11.15 -10.52
CA LYS A 132 24.56 12.50 -10.97
C LYS A 132 24.61 13.52 -9.84
N ASN A 133 23.63 13.42 -8.95
CA ASN A 133 23.57 14.23 -7.74
C ASN A 133 23.19 13.40 -6.52
N GLU A 134 24.16 12.84 -5.82
CA GLU A 134 23.87 12.18 -4.56
C GLU A 134 24.44 12.96 -3.37
N ASP A 135 23.89 14.16 -3.14
CA ASP A 135 24.18 14.92 -1.92
C ASP A 135 23.02 14.91 -0.92
N LYS A 136 22.60 13.72 -0.49
CA LYS A 136 21.64 13.59 0.59
C LYS A 136 22.09 12.55 1.61
N LEU A 137 22.91 11.62 1.14
CA LEU A 137 23.46 10.54 1.95
C LEU A 137 22.56 10.03 3.09
N ASN A 138 21.25 10.03 2.84
CA ASN A 138 20.33 9.34 3.71
C ASN A 138 20.22 7.91 3.19
N HIS A 139 19.20 7.18 3.63
CA HIS A 139 18.93 5.80 3.18
C HIS A 139 17.54 5.40 3.70
N HIS A 140 17.35 4.10 3.95
CA HIS A 140 16.02 3.56 4.24
C HIS A 140 16.11 2.14 4.82
N GLN A 141 16.51 2.00 6.08
CA GLN A 141 16.84 3.15 6.93
C GLN A 141 18.32 3.29 6.74
N ARG A 142 18.95 2.16 6.48
CA ARG A 142 20.25 2.14 5.83
C ARG A 142 20.35 0.97 4.81
N ILE A 143 19.19 0.54 4.26
CA ILE A 143 19.09 -0.62 3.35
C ILE A 143 17.82 -0.64 2.48
N GLY A 144 17.26 0.52 2.16
CA GLY A 144 16.12 0.54 1.29
C GLY A 144 16.69 0.41 -0.08
N LEU A 145 17.11 1.54 -0.62
CA LEU A 145 17.97 1.63 -1.77
C LEU A 145 19.13 0.65 -1.69
N LYS A 146 18.86 -0.62 -2.02
CA LYS A 146 19.85 -1.69 -2.16
C LYS A 146 19.11 -3.00 -2.46
N TYR A 147 18.17 -3.37 -1.59
CA TYR A 147 17.22 -4.44 -1.87
C TYR A 147 15.97 -3.88 -2.58
N PHE A 148 16.10 -2.68 -3.14
CA PHE A 148 15.05 -2.08 -3.95
C PHE A 148 14.52 -3.02 -5.02
N GLU A 149 15.37 -3.96 -5.46
CA GLU A 149 15.07 -4.84 -6.59
C GLU A 149 14.18 -6.06 -6.27
N ASP A 150 14.22 -6.57 -5.06
CA ASP A 150 13.49 -7.81 -4.81
C ASP A 150 12.16 -7.56 -4.09
N PHE A 151 11.94 -6.32 -3.65
CA PHE A 151 10.74 -5.98 -2.88
C PHE A 151 9.52 -5.88 -3.80
N GLU A 152 9.77 -5.61 -5.07
CA GLU A 152 8.67 -5.40 -6.02
C GLU A 152 8.25 -6.66 -6.81
N LYS A 153 8.73 -7.84 -6.40
CA LYS A 153 8.16 -9.08 -6.91
C LYS A 153 7.30 -9.83 -5.87
N ARG A 154 6.18 -10.37 -6.32
CA ARG A 154 5.32 -11.21 -5.48
C ARG A 154 6.06 -12.46 -4.97
N ILE A 155 5.42 -13.22 -4.08
CA ILE A 155 6.03 -14.39 -3.45
C ILE A 155 5.18 -15.65 -3.62
N PRO A 156 5.67 -16.63 -4.40
CA PRO A 156 4.96 -17.87 -4.69
C PRO A 156 4.50 -18.57 -3.43
N ARG A 157 3.38 -19.27 -3.52
CA ARG A 157 2.88 -20.02 -2.37
C ARG A 157 3.93 -21.01 -1.84
N GLU A 158 4.36 -21.96 -2.67
CA GLU A 158 5.35 -23.02 -2.33
C GLU A 158 6.49 -22.57 -1.41
N GLU A 159 7.03 -21.37 -1.65
CA GLU A 159 8.08 -20.81 -0.80
C GLU A 159 7.55 -20.34 0.56
N MET A 160 6.33 -19.80 0.60
CA MET A 160 5.73 -19.38 1.88
C MET A 160 5.66 -20.56 2.86
N LEU A 161 5.31 -21.73 2.35
CA LEU A 161 5.18 -22.90 3.21
C LEU A 161 6.47 -23.35 3.95
N GLN A 162 7.64 -23.01 3.43
CA GLN A 162 8.86 -23.50 4.06
C GLN A 162 9.55 -22.42 4.85
N MET A 163 9.02 -21.20 4.73
CA MET A 163 9.40 -20.11 5.63
C MET A 163 8.67 -20.42 6.92
N GLN A 164 7.37 -20.70 6.78
CA GLN A 164 6.50 -21.09 7.86
C GLN A 164 7.10 -22.23 8.69
N ASP A 165 7.53 -23.28 7.99
CA ASP A 165 7.93 -24.49 8.69
C ASP A 165 9.23 -24.36 9.50
N ILE A 166 10.14 -23.52 9.04
CA ILE A 166 11.36 -23.27 9.77
C ILE A 166 11.15 -22.57 11.11
N VAL A 167 10.32 -21.53 11.11
CA VAL A 167 10.16 -20.67 12.27
C VAL A 167 9.44 -21.35 13.47
N LEU A 168 8.42 -22.14 13.14
CA LEU A 168 7.71 -22.91 14.16
C LEU A 168 8.67 -23.94 14.76
N ASN A 169 9.58 -24.46 13.93
CA ASN A 169 10.54 -25.42 14.45
C ASN A 169 11.48 -24.83 15.52
N GLU A 170 12.13 -23.71 15.21
CA GLU A 170 12.99 -23.06 16.21
C GLU A 170 12.27 -22.73 17.53
N VAL A 171 11.05 -22.19 17.44
CA VAL A 171 10.28 -21.68 18.59
C VAL A 171 10.04 -22.75 19.65
N LYS A 172 9.41 -23.84 19.22
CA LYS A 172 9.11 -25.00 20.06
C LYS A 172 10.34 -25.66 20.73
N LYS A 173 11.46 -25.74 20.02
CA LYS A 173 12.68 -26.32 20.55
C LYS A 173 13.26 -25.55 21.74
N LEU A 174 12.99 -24.24 21.77
CA LEU A 174 13.37 -23.40 22.91
C LEU A 174 12.53 -23.64 24.18
N ASP A 175 11.23 -23.88 24.01
CA ASP A 175 10.30 -24.05 25.13
C ASP A 175 8.90 -24.36 24.56
N PRO A 176 8.41 -25.61 24.77
CA PRO A 176 7.14 -26.04 24.18
C PRO A 176 5.86 -25.31 24.65
N GLU A 177 5.97 -24.32 25.53
CA GLU A 177 4.78 -23.56 25.97
C GLU A 177 4.44 -22.32 25.12
N TYR A 178 5.34 -21.90 24.23
CA TYR A 178 5.07 -20.81 23.28
C TYR A 178 3.95 -21.25 22.33
N ILE A 179 3.21 -20.30 21.76
CA ILE A 179 2.34 -20.56 20.59
C ILE A 179 2.48 -19.46 19.52
N ALA A 180 2.36 -19.84 18.25
CA ALA A 180 2.61 -18.91 17.14
C ALA A 180 1.86 -19.30 15.85
N THR A 181 1.36 -18.30 15.11
CA THR A 181 0.56 -18.53 13.91
C THR A 181 0.72 -17.39 12.90
N VAL A 182 0.53 -17.69 11.62
CA VAL A 182 0.75 -16.72 10.55
C VAL A 182 -0.55 -16.33 9.83
N CYS A 183 -0.70 -15.05 9.49
CA CYS A 183 -2.02 -14.53 9.12
C CYS A 183 -2.14 -13.89 7.69
N GLY A 184 -2.88 -12.81 7.54
CA GLY A 184 -2.98 -12.15 6.24
C GLY A 184 -3.68 -12.93 5.13
N SER A 185 -3.20 -12.71 3.90
CA SER A 185 -3.65 -13.39 2.68
C SER A 185 -3.29 -14.88 2.63
N PHE A 186 -2.22 -15.26 3.32
CA PHE A 186 -1.72 -16.63 3.31
C PHE A 186 -2.71 -17.60 3.97
N ARG A 187 -3.40 -17.15 5.01
CA ARG A 187 -4.27 -18.05 5.76
C ARG A 187 -5.65 -18.12 5.09
N ARG A 188 -6.01 -17.05 4.36
CA ARG A 188 -7.19 -17.04 3.46
C ARG A 188 -7.08 -17.96 2.23
N GLY A 189 -5.86 -18.30 1.80
CA GLY A 189 -5.67 -19.28 0.74
C GLY A 189 -5.05 -18.83 -0.59
N ALA A 190 -4.35 -17.71 -0.60
CA ALA A 190 -3.76 -17.15 -1.83
C ALA A 190 -2.79 -18.11 -2.54
N GLU A 191 -2.55 -17.85 -3.83
CA GLU A 191 -1.51 -18.52 -4.59
C GLU A 191 -0.24 -17.64 -4.77
N SER A 192 -0.23 -16.49 -4.09
CA SER A 192 0.88 -15.53 -4.13
C SER A 192 0.78 -14.52 -2.97
N SER A 193 1.91 -14.11 -2.40
CA SER A 193 1.85 -13.11 -1.33
C SER A 193 2.84 -11.98 -1.49
N GLY A 194 2.67 -10.98 -0.65
CA GLY A 194 3.51 -9.80 -0.69
C GLY A 194 4.51 -9.72 0.46
N ASP A 195 4.41 -10.64 1.43
CA ASP A 195 5.20 -10.62 2.67
C ASP A 195 4.74 -11.65 3.71
N MET A 196 5.41 -11.63 4.89
CA MET A 196 5.04 -12.45 6.06
C MET A 196 4.72 -11.66 7.38
N ASP A 197 3.69 -12.11 8.10
CA ASP A 197 3.17 -11.50 9.36
C ASP A 197 2.86 -12.58 10.40
N VAL A 198 3.57 -12.60 11.52
CA VAL A 198 3.41 -13.67 12.53
C VAL A 198 3.02 -13.14 13.93
N LEU A 199 2.30 -13.93 14.72
CA LEU A 199 1.86 -13.56 16.08
C LEU A 199 2.28 -14.57 17.19
N LEU A 200 2.58 -14.05 18.39
CA LEU A 200 3.34 -14.79 19.43
C LEU A 200 2.83 -14.57 20.89
N THR A 201 2.52 -15.66 21.60
CA THR A 201 2.04 -15.59 22.99
C THR A 201 2.71 -16.60 23.95
N HIS A 202 2.41 -16.48 25.25
CA HIS A 202 2.95 -17.31 26.33
C HIS A 202 2.05 -17.07 27.56
N PRO A 203 1.87 -18.10 28.42
CA PRO A 203 0.97 -18.02 29.58
C PRO A 203 1.49 -17.20 30.75
N ASN A 204 2.71 -16.65 30.66
CA ASN A 204 3.25 -15.80 31.72
C ASN A 204 3.24 -14.33 31.36
N PHE A 205 2.42 -13.98 30.37
CA PHE A 205 2.12 -12.59 30.05
C PHE A 205 0.59 -12.54 29.93
N THR A 206 -0.04 -11.64 30.67
CA THR A 206 -1.50 -11.53 30.68
C THR A 206 -1.87 -10.05 30.81
N SER A 207 -3.16 -9.76 30.96
CA SER A 207 -3.68 -8.39 31.11
C SER A 207 -3.19 -7.66 32.36
N GLU A 208 -3.02 -8.41 33.44
CA GLU A 208 -2.83 -7.85 34.77
C GLU A 208 -1.40 -7.99 35.30
N SER A 209 -0.43 -8.08 34.40
CA SER A 209 0.92 -8.49 34.78
C SER A 209 2.04 -7.48 34.45
N SER A 210 3.26 -7.86 34.87
CA SER A 210 4.46 -7.12 34.49
C SER A 210 4.69 -7.27 32.98
N LYS A 211 5.36 -6.29 32.37
CA LYS A 211 5.67 -6.32 30.93
C LYS A 211 7.04 -6.91 30.56
N GLN A 212 7.08 -7.79 29.56
CA GLN A 212 8.25 -8.66 29.33
C GLN A 212 8.85 -8.71 27.89
N PRO A 213 9.74 -7.76 27.53
CA PRO A 213 10.27 -7.83 26.16
C PRO A 213 11.21 -9.02 25.94
N LYS A 214 11.98 -9.41 26.95
CA LYS A 214 12.90 -10.54 26.88
C LYS A 214 12.31 -11.82 26.27
N LEU A 215 11.00 -11.85 26.12
CA LEU A 215 10.33 -13.02 25.59
C LEU A 215 10.41 -13.05 24.05
N LEU A 216 10.69 -11.89 23.50
CA LEU A 216 10.66 -11.65 22.09
C LEU A 216 12.08 -11.48 21.56
N HIS A 217 12.99 -10.98 22.42
CA HIS A 217 14.41 -10.81 22.08
C HIS A 217 15.05 -12.17 21.78
N ARG A 218 14.80 -13.11 22.68
CA ARG A 218 15.31 -14.45 22.58
C ARG A 218 14.95 -15.11 21.23
N VAL A 219 13.69 -15.00 20.84
CA VAL A 219 13.24 -15.63 19.57
C VAL A 219 14.01 -15.08 18.36
N VAL A 220 14.18 -13.75 18.34
CA VAL A 220 14.94 -13.03 17.34
C VAL A 220 16.44 -13.45 17.24
N GLU A 221 17.10 -13.50 18.39
CA GLU A 221 18.56 -13.68 18.44
C GLU A 221 19.01 -15.04 17.88
N GLN A 222 18.33 -16.09 18.32
CA GLN A 222 18.52 -17.44 17.81
C GLN A 222 18.16 -17.59 16.30
N LEU A 223 17.28 -16.72 15.79
CA LEU A 223 16.97 -16.72 14.35
C LEU A 223 18.16 -16.26 13.50
N GLN A 224 18.82 -15.22 13.98
CA GLN A 224 20.09 -14.74 13.44
C GLN A 224 21.19 -15.79 13.53
N LYS A 225 21.21 -16.57 14.61
CA LYS A 225 22.28 -17.54 14.83
C LYS A 225 22.39 -18.59 13.69
N VAL A 226 21.24 -19.11 13.25
CA VAL A 226 21.19 -20.08 12.15
C VAL A 226 21.15 -19.34 10.82
N ARG A 227 21.32 -18.03 10.89
CA ARG A 227 21.43 -17.18 9.70
C ARG A 227 20.24 -17.24 8.71
N PHE A 228 19.01 -17.21 9.25
CA PHE A 228 17.77 -17.02 8.49
C PHE A 228 17.39 -15.53 8.42
N ILE A 229 17.56 -14.80 9.53
CA ILE A 229 17.39 -13.34 9.54
C ILE A 229 18.68 -12.61 9.15
N THR A 230 18.57 -11.63 8.24
CA THR A 230 19.78 -10.92 7.80
C THR A 230 19.91 -9.44 8.23
N ASP A 231 18.81 -8.69 8.32
CA ASP A 231 18.93 -7.27 8.73
C ASP A 231 17.85 -6.74 9.71
N THR A 232 18.09 -5.55 10.27
CA THR A 232 17.19 -4.92 11.26
C THR A 232 16.73 -3.54 10.83
N LEU A 233 15.43 -3.30 10.83
CA LEU A 233 14.90 -1.97 10.51
C LEU A 233 14.28 -1.28 11.74
N SER A 234 13.84 -2.07 12.71
CA SER A 234 13.19 -1.53 13.89
C SER A 234 13.08 -2.49 15.05
N LYS A 235 13.35 -1.98 16.25
CA LYS A 235 13.16 -2.73 17.48
C LYS A 235 12.10 -2.07 18.36
N GLY A 236 11.77 -2.71 19.47
CA GLY A 236 10.94 -2.15 20.51
C GLY A 236 10.74 -3.16 21.61
N GLU A 237 9.78 -2.90 22.49
CA GLU A 237 9.30 -3.88 23.45
C GLU A 237 8.15 -4.76 22.89
N THR A 238 7.44 -4.30 21.84
CA THR A 238 6.39 -5.17 21.25
C THR A 238 6.53 -5.68 19.79
N LYS A 239 7.33 -5.00 18.96
CA LYS A 239 7.38 -5.32 17.52
C LYS A 239 8.79 -5.19 16.85
N PHE A 240 9.14 -6.18 16.01
CA PHE A 240 10.36 -6.17 15.19
C PHE A 240 10.01 -6.01 13.69
N MET A 241 10.96 -5.53 12.90
CA MET A 241 10.74 -5.28 11.47
C MET A 241 12.03 -5.50 10.65
N GLY A 242 12.07 -6.53 9.83
CA GLY A 242 13.31 -6.82 9.12
C GLY A 242 13.31 -7.38 7.71
N VAL A 243 14.22 -8.33 7.46
CA VAL A 243 14.53 -8.93 6.14
C VAL A 243 15.03 -10.37 6.28
N CYS A 244 14.52 -11.33 5.49
CA CYS A 244 14.98 -12.74 5.57
C CYS A 244 15.41 -13.48 4.24
N GLN A 245 15.94 -14.71 4.35
CA GLN A 245 16.29 -15.54 3.18
C GLN A 245 16.37 -17.10 3.40
N LEU A 246 15.77 -17.87 2.47
CA LEU A 246 15.96 -19.33 2.41
C LEU A 246 17.38 -19.80 1.90
N PRO A 247 17.90 -20.93 2.44
CA PRO A 247 19.22 -21.57 2.15
C PRO A 247 19.31 -22.46 0.90
N SER A 248 20.46 -22.42 0.20
CA SER A 248 20.64 -23.18 -1.03
C SER A 248 21.78 -24.20 -1.04
N GLU A 249 21.62 -25.28 -1.82
CA GLU A 249 22.65 -26.31 -1.90
C GLU A 249 23.69 -26.00 -2.97
N ASN A 250 23.28 -25.23 -3.98
CA ASN A 250 24.18 -24.87 -5.07
C ASN A 250 23.49 -24.91 -6.42
N ASP A 251 22.38 -24.16 -6.51
CA ASP A 251 21.66 -23.95 -7.75
C ASP A 251 21.97 -22.57 -8.29
N GLU A 252 20.95 -21.84 -8.75
CA GLU A 252 21.13 -20.53 -9.36
C GLU A 252 21.67 -19.42 -8.46
N ASN A 253 21.75 -18.21 -9.01
CA ASN A 253 22.28 -17.05 -8.30
C ASN A 253 21.66 -16.68 -6.95
N GLU A 254 20.34 -16.75 -6.85
CA GLU A 254 19.66 -16.35 -5.61
C GLU A 254 18.20 -16.79 -5.46
N TYR A 255 17.80 -17.03 -4.21
CA TYR A 255 16.43 -16.79 -3.78
C TYR A 255 16.49 -15.31 -3.39
N PRO A 256 15.58 -14.49 -3.92
CA PRO A 256 15.56 -13.07 -3.53
C PRO A 256 15.41 -12.84 -2.01
N HIS A 257 15.97 -11.73 -1.52
CA HIS A 257 15.79 -11.28 -0.14
C HIS A 257 14.32 -10.87 0.11
N ARG A 258 13.71 -11.27 1.25
CA ARG A 258 12.30 -10.90 1.55
C ARG A 258 12.02 -10.15 2.89
N ARG A 259 10.75 -10.08 3.27
CA ARG A 259 10.24 -9.02 4.18
C ARG A 259 9.31 -9.59 5.27
N ILE A 260 9.71 -9.52 6.54
CA ILE A 260 8.96 -10.15 7.66
C ILE A 260 8.74 -9.27 8.94
N ASP A 261 7.55 -9.42 9.54
CA ASP A 261 7.13 -8.73 10.77
C ASP A 261 6.80 -9.72 11.90
N ILE A 262 6.96 -9.30 13.16
CA ILE A 262 6.74 -10.14 14.36
C ILE A 262 6.15 -9.33 15.55
N ARG A 263 5.14 -9.88 16.26
CA ARG A 263 4.29 -9.12 17.25
C ARG A 263 3.87 -9.82 18.56
N LEU A 264 4.23 -9.28 19.73
CA LEU A 264 3.92 -9.96 21.01
C LEU A 264 2.60 -9.51 21.72
N ILE A 265 1.80 -10.48 22.20
CA ILE A 265 0.43 -10.25 22.74
C ILE A 265 0.13 -10.99 24.07
N PRO A 266 -0.70 -10.38 24.96
CA PRO A 266 -1.22 -10.98 26.19
C PRO A 266 -2.01 -12.25 25.94
N LYS A 267 -1.78 -13.27 26.76
CA LYS A 267 -2.39 -14.60 26.56
C LYS A 267 -3.89 -14.55 26.45
N ASP A 268 -4.49 -13.74 27.30
CA ASP A 268 -5.94 -13.65 27.45
C ASP A 268 -6.61 -12.78 26.39
N GLN A 269 -5.83 -12.15 25.52
CA GLN A 269 -6.40 -11.38 24.42
C GLN A 269 -5.98 -11.91 23.04
N TYR A 270 -5.44 -13.14 23.01
CA TYR A 270 -4.85 -13.78 21.83
C TYR A 270 -5.79 -14.07 20.64
N TYR A 271 -6.75 -14.97 20.84
CA TYR A 271 -7.73 -15.32 19.80
C TYR A 271 -8.66 -14.17 19.37
N CYS A 272 -8.57 -13.03 20.04
CA CYS A 272 -9.27 -11.83 19.61
C CYS A 272 -8.47 -11.01 18.56
N GLY A 273 -7.15 -11.22 18.49
CA GLY A 273 -6.27 -10.48 17.58
C GLY A 273 -6.02 -11.20 16.28
N VAL A 274 -5.96 -12.52 16.39
CA VAL A 274 -5.83 -13.42 15.25
C VAL A 274 -7.02 -13.33 14.30
N LEU A 275 -8.24 -13.40 14.84
CA LEU A 275 -9.45 -13.08 14.09
C LEU A 275 -9.30 -11.73 13.40
N TYR A 276 -8.72 -10.79 14.14
CA TYR A 276 -8.52 -9.45 13.61
C TYR A 276 -7.44 -9.33 12.51
N PHE A 277 -6.29 -9.99 12.65
CA PHE A 277 -5.29 -9.93 11.55
C PHE A 277 -5.58 -10.81 10.32
N THR A 278 -6.62 -11.64 10.38
CA THR A 278 -7.27 -12.18 9.17
C THR A 278 -8.62 -11.48 8.88
N GLY A 279 -9.71 -12.25 9.04
CA GLY A 279 -11.03 -11.84 8.62
C GLY A 279 -11.06 -11.35 7.19
N SER A 280 -10.74 -10.06 7.02
CA SER A 280 -10.86 -9.24 5.81
C SER A 280 -11.52 -7.94 6.22
N ASP A 281 -11.17 -6.84 5.56
CA ASP A 281 -11.76 -5.55 5.95
C ASP A 281 -13.31 -5.59 5.85
N ILE A 282 -13.81 -5.74 4.63
CA ILE A 282 -15.24 -5.86 4.36
C ILE A 282 -15.93 -6.86 5.32
N PHE A 283 -15.39 -8.08 5.41
CA PHE A 283 -15.91 -9.09 6.31
C PHE A 283 -16.00 -8.62 7.77
N ASN A 284 -14.89 -8.08 8.29
CA ASN A 284 -14.83 -7.65 9.70
C ASN A 284 -15.84 -6.55 10.02
N LYS A 285 -16.22 -5.82 8.98
CA LYS A 285 -17.25 -4.78 9.08
C LYS A 285 -18.66 -5.37 9.12
N ASN A 286 -18.91 -6.44 8.36
CA ASN A 286 -20.24 -7.06 8.41
C ASN A 286 -20.42 -7.88 9.69
N MET A 287 -19.30 -8.33 10.25
CA MET A 287 -19.37 -9.15 11.45
C MET A 287 -19.77 -8.33 12.71
N ARG A 288 -19.24 -7.11 12.84
CA ARG A 288 -19.50 -6.29 14.02
C ARG A 288 -20.93 -5.64 14.08
N ALA A 289 -21.69 -5.71 12.99
CA ALA A 289 -23.07 -5.23 12.97
C ALA A 289 -24.05 -6.32 13.44
N HIS A 290 -23.84 -7.55 13.00
CA HIS A 290 -24.66 -8.65 13.48
C HIS A 290 -24.62 -8.79 15.01
N ALA A 291 -23.49 -8.44 15.62
CA ALA A 291 -23.34 -8.52 17.07
C ALA A 291 -24.20 -7.46 17.76
N LEU A 292 -24.23 -6.27 17.17
CA LEU A 292 -25.07 -5.19 17.63
C LEU A 292 -26.52 -5.66 17.68
N GLU A 293 -26.94 -6.37 16.63
CA GLU A 293 -28.28 -6.93 16.58
C GLU A 293 -28.52 -7.86 17.76
N LYS A 294 -27.86 -9.02 17.81
CA LYS A 294 -28.01 -9.90 18.97
C LYS A 294 -27.71 -9.21 20.32
N GLY A 295 -26.96 -8.12 20.30
CA GLY A 295 -26.77 -7.29 21.50
C GLY A 295 -25.39 -7.27 22.15
N PHE A 296 -24.32 -7.41 21.36
CA PHE A 296 -22.94 -7.48 21.89
C PHE A 296 -22.02 -6.40 21.27
N THR A 297 -20.81 -6.24 21.82
CA THR A 297 -19.81 -5.33 21.25
C THR A 297 -18.44 -6.01 21.13
N ILE A 298 -17.80 -5.83 19.97
CA ILE A 298 -16.58 -6.57 19.62
C ILE A 298 -15.44 -5.69 19.13
N ASN A 299 -14.25 -6.04 19.57
CA ASN A 299 -13.09 -5.17 19.53
C ASN A 299 -11.86 -5.94 18.99
N GLU A 300 -10.74 -5.26 18.76
CA GLU A 300 -9.47 -6.00 18.59
C GLU A 300 -8.96 -6.65 19.90
N TYR A 301 -9.47 -6.20 21.06
CA TYR A 301 -9.07 -6.77 22.36
C TYR A 301 -10.05 -7.74 23.01
N THR A 302 -11.36 -7.42 23.01
CA THR A 302 -12.35 -8.18 23.81
C THR A 302 -13.76 -8.44 23.19
N ILE A 303 -14.57 -9.22 23.88
CA ILE A 303 -16.02 -9.28 23.66
C ILE A 303 -16.82 -9.04 24.98
N ARG A 304 -17.64 -7.98 25.00
CA ARG A 304 -18.35 -7.54 26.23
C ARG A 304 -19.90 -7.41 26.11
N PRO A 305 -20.64 -7.83 27.16
CA PRO A 305 -22.10 -7.62 27.29
C PRO A 305 -22.54 -6.16 27.36
N LEU A 306 -23.45 -5.75 26.47
CA LEU A 306 -23.86 -4.34 26.35
C LEU A 306 -25.22 -4.03 27.05
N GLY A 307 -26.31 -4.10 26.30
CA GLY A 307 -27.64 -3.83 26.85
C GLY A 307 -27.98 -2.35 27.01
N VAL A 308 -29.18 -2.09 27.53
CA VAL A 308 -29.75 -0.75 27.77
C VAL A 308 -29.21 0.47 26.99
N THR A 309 -28.09 1.03 27.44
CA THR A 309 -27.53 2.25 26.85
C THR A 309 -26.04 2.10 26.69
N GLY A 310 -25.37 3.21 26.40
CA GLY A 310 -23.92 3.19 26.28
C GLY A 310 -23.31 2.79 27.60
N VAL A 311 -23.19 1.49 27.84
CA VAL A 311 -22.50 0.94 29.01
C VAL A 311 -22.31 -0.56 28.86
N ALA A 312 -21.14 -0.95 28.35
CA ALA A 312 -20.75 -2.35 28.25
C ALA A 312 -20.40 -2.92 29.63
N GLY A 313 -20.44 -4.24 29.78
CA GLY A 313 -20.13 -4.86 31.05
C GLY A 313 -18.69 -5.32 31.21
N GLU A 314 -18.53 -6.40 31.96
CA GLU A 314 -17.27 -7.12 32.10
C GLU A 314 -16.87 -7.73 30.76
N PRO A 315 -15.66 -8.32 30.70
CA PRO A 315 -15.30 -9.16 29.55
C PRO A 315 -15.59 -10.62 29.84
N LEU A 316 -16.11 -11.32 28.84
CA LEU A 316 -16.42 -12.73 28.94
C LEU A 316 -15.24 -13.63 28.52
N PRO A 317 -15.21 -14.88 29.00
CA PRO A 317 -14.01 -15.67 28.78
C PRO A 317 -13.97 -16.36 27.42
N VAL A 318 -12.77 -16.48 26.86
CA VAL A 318 -12.54 -17.09 25.53
C VAL A 318 -11.33 -18.02 25.49
N ASP A 319 -11.53 -19.28 25.09
CA ASP A 319 -10.42 -20.24 24.94
C ASP A 319 -10.19 -20.69 23.48
N SER A 320 -10.87 -20.03 22.51
CA SER A 320 -10.86 -20.47 21.11
C SER A 320 -11.66 -19.58 20.18
N GLU A 321 -11.25 -19.54 18.91
N GLU A 321 -11.26 -19.57 18.91
CA GLU A 321 -11.85 -18.67 17.88
CA GLU A 321 -11.91 -18.80 17.87
C GLU A 321 -13.34 -18.99 17.65
C GLU A 321 -13.42 -19.02 17.80
N GLN A 322 -13.77 -20.18 18.04
N GLN A 322 -13.86 -20.27 17.93
CA GLN A 322 -15.15 -20.62 17.86
CA GLN A 322 -15.29 -20.56 17.81
C GLN A 322 -16.06 -20.24 19.03
C GLN A 322 -16.11 -20.23 19.06
N ASP A 323 -15.46 -20.06 20.21
CA ASP A 323 -16.19 -19.58 21.41
C ASP A 323 -16.80 -18.21 21.13
N ILE A 324 -16.20 -17.48 20.17
CA ILE A 324 -16.71 -16.19 19.69
C ILE A 324 -18.00 -16.27 18.85
N PHE A 325 -18.03 -17.23 17.92
CA PHE A 325 -19.17 -17.42 17.03
C PHE A 325 -20.46 -17.77 17.79
N ASP A 326 -20.33 -18.72 18.71
CA ASP A 326 -21.39 -19.17 19.61
C ASP A 326 -22.14 -18.02 20.32
N TYR A 327 -21.35 -17.07 20.83
CA TYR A 327 -21.84 -15.97 21.64
C TYR A 327 -22.83 -15.12 20.89
N ILE A 328 -22.61 -14.95 19.57
CA ILE A 328 -23.52 -14.13 18.75
C ILE A 328 -24.49 -14.89 17.82
N GLN A 329 -24.65 -16.19 18.06
CA GLN A 329 -25.55 -17.07 17.26
C GLN A 329 -25.30 -17.22 15.73
N TRP A 330 -24.05 -17.57 15.35
CA TRP A 330 -23.68 -17.82 13.95
C TRP A 330 -23.06 -19.20 13.70
N ARG A 331 -23.53 -19.89 12.67
CA ARG A 331 -22.79 -21.06 12.16
C ARG A 331 -21.37 -20.66 11.74
N TYR A 332 -20.39 -21.43 12.22
CA TYR A 332 -18.96 -21.19 12.00
C TYR A 332 -18.58 -21.08 10.49
N ARG A 333 -17.49 -20.38 10.22
CA ARG A 333 -17.08 -20.03 8.85
C ARG A 333 -15.56 -20.11 8.70
N GLU A 334 -15.09 -21.06 7.92
CA GLU A 334 -13.65 -21.29 7.82
C GLU A 334 -12.96 -20.25 6.96
N PRO A 335 -11.67 -19.99 7.25
CA PRO A 335 -10.84 -18.95 6.61
C PRO A 335 -10.95 -18.86 5.08
N LYS A 336 -10.86 -19.99 4.39
CA LYS A 336 -11.08 -20.02 2.94
C LYS A 336 -12.32 -19.19 2.46
N ASP A 337 -13.30 -18.96 3.35
CA ASP A 337 -14.56 -18.28 3.00
C ASP A 337 -14.78 -16.90 3.58
N ARG A 338 -13.74 -16.26 4.11
CA ARG A 338 -13.97 -14.99 4.80
C ARG A 338 -13.67 -13.80 3.88
N SER A 339 -14.31 -13.76 2.73
CA SER A 339 -14.08 -12.67 1.79
C SER A 339 -14.94 -11.44 2.11
#